data_5GRN
#
_entry.id   5GRN
#
_cell.length_a   48.776
_cell.length_b   49.372
_cell.length_c   108.696
_cell.angle_alpha   90.00
_cell.angle_beta   90.00
_cell.angle_gamma   90.00
#
_symmetry.space_group_name_H-M   'P 21 21 21'
#
loop_
_entity.id
_entity.type
_entity.pdbx_description
1 polymer 'Platelet-derived growth factor receptor alpha'
2 non-polymer N-[2-(dimethylamino)ethyl]-N-[[4-[[4-methyl-3-[(4-pyridin-3-ylpyrimidin-2-yl)amino]phenyl]carbamoyl]phenyl]methyl]pyridine-3-carboxamide
3 non-polymer 'CHLORIDE ION'
4 water water
#
_entity_poly.entity_id   1
_entity_poly.type   'polypeptide(L)'
_entity_poly.pdbx_seq_one_letter_code
;GAMDKQKPRYEIRWRVIESISPDGHEYIYVDPMQLPYDSRWEFPRDGLVLGRVLGSGAFGKVVEGTAYGLSRSQPVMKVA
VKMLKPTARSSEKQALMSELKIMTHLGPHLNIVNLLGACTKSGPIYIITEYCFYGDLVNYLHKNRDSFLSHKKKSMLDSE
VKNLLSDDNSEGLTLLDLLSFTYQVARGMEFLASKNCVHRDLAARNVLLAQGKIVKICDFGLARDIMHDSNYVSKGSTFL
PVKWMAPESIFDNLYTTLSDVWSYGILLWEIFSLGGTPYPGMMVDSTFYNKIKSGYRMAKPDHATSEVYEIMVKCWNSEP
EKRPSFYHLSEIVENLLPGQYKKSYEKIHLDFLKSD
;
_entity_poly.pdbx_strand_id   A
#
loop_
_chem_comp.id
_chem_comp.type
_chem_comp.name
_chem_comp.formula
748 non-polymer N-[2-(dimethylamino)ethyl]-N-[[4-[[4-methyl-3-[(4-pyridin-3-ylpyrimidin-2-yl)amino]phenyl]carbamoyl]phenyl]methyl]pyridine-3-carboxamide 'C34 H34 N8 O2'
CL non-polymer 'CHLORIDE ION' 'Cl -1'
#
# COMPACT_ATOMS: atom_id res chain seq x y z
C ASP A 38 7.62 -17.99 -22.47
N SER A 39 6.97 -17.03 -21.84
CA SER A 39 7.49 -16.47 -20.63
C SER A 39 7.51 -17.51 -19.52
N ARG A 40 8.54 -17.47 -18.67
CA ARG A 40 8.67 -18.39 -17.56
C ARG A 40 7.62 -18.16 -16.47
N TRP A 41 7.08 -16.96 -16.43
CA TRP A 41 6.02 -16.61 -15.48
C TRP A 41 4.65 -17.21 -15.83
N GLU A 42 4.48 -17.57 -17.08
CA GLU A 42 3.25 -18.12 -17.59
C GLU A 42 2.74 -19.33 -16.82
N PHE A 43 1.50 -19.23 -16.40
CA PHE A 43 0.80 -20.31 -15.70
C PHE A 43 -0.46 -20.64 -16.49
N PRO A 44 -0.75 -21.92 -16.64
CA PRO A 44 -1.96 -22.30 -17.38
C PRO A 44 -3.19 -21.81 -16.66
N ARG A 45 -4.07 -21.23 -17.42
CA ARG A 45 -5.31 -20.70 -16.94
C ARG A 45 -6.14 -21.81 -16.30
N ASP A 46 -6.10 -23.00 -16.88
CA ASP A 46 -6.86 -24.11 -16.34
C ASP A 46 -6.27 -24.68 -15.06
N GLY A 47 -5.15 -24.13 -14.59
CA GLY A 47 -4.65 -24.45 -13.27
C GLY A 47 -5.23 -23.62 -12.14
N LEU A 48 -6.20 -22.75 -12.43
CA LEU A 48 -6.78 -21.86 -11.43
C LEU A 48 -8.25 -22.18 -11.24
N VAL A 49 -8.72 -22.01 -10.00
CA VAL A 49 -10.13 -21.96 -9.70
C VAL A 49 -10.39 -20.64 -8.98
N LEU A 50 -11.19 -19.79 -9.61
CA LEU A 50 -11.46 -18.44 -9.12
C LEU A 50 -12.47 -18.36 -7.97
N GLY A 51 -12.24 -17.42 -7.06
CA GLY A 51 -12.99 -17.26 -5.84
C GLY A 51 -13.64 -15.92 -5.59
N ARG A 52 -13.92 -15.64 -4.33
CA ARG A 52 -14.58 -14.42 -3.89
C ARG A 52 -13.75 -13.18 -4.22
N VAL A 53 -14.45 -12.09 -4.51
CA VAL A 53 -13.80 -10.85 -4.84
C VAL A 53 -13.18 -10.19 -3.62
N LEU A 54 -11.91 -9.81 -3.76
CA LEU A 54 -11.20 -9.11 -2.70
C LEU A 54 -11.18 -7.59 -2.89
N GLY A 55 -11.34 -7.12 -4.12
CA GLY A 55 -11.50 -5.70 -4.39
C GLY A 55 -11.93 -5.52 -5.83
N SER A 56 -12.67 -4.45 -6.12
CA SER A 56 -12.99 -4.17 -7.51
C SER A 56 -13.14 -2.67 -7.70
N GLY A 57 -12.80 -2.22 -8.91
CA GLY A 57 -13.11 -0.90 -9.38
C GLY A 57 -13.87 -0.94 -10.69
N ALA A 58 -13.88 0.15 -11.41
CA ALA A 58 -14.62 0.20 -12.64
C ALA A 58 -14.21 -0.77 -13.72
N PHE A 59 -12.93 -0.97 -13.90
CA PHE A 59 -12.45 -1.85 -14.95
C PHE A 59 -11.65 -3.06 -14.52
N GLY A 60 -11.35 -3.14 -13.24
CA GLY A 60 -10.54 -4.22 -12.73
C GLY A 60 -10.98 -4.78 -11.41
N LYS A 61 -10.44 -5.94 -11.09
CA LYS A 61 -10.74 -6.56 -9.83
C LYS A 61 -9.69 -7.57 -9.41
N VAL A 62 -9.71 -7.90 -8.14
CA VAL A 62 -8.83 -8.91 -7.60
C VAL A 62 -9.70 -9.92 -6.90
N VAL A 63 -9.44 -11.19 -7.16
CA VAL A 63 -10.20 -12.23 -6.54
C VAL A 63 -9.32 -13.29 -5.90
N GLU A 64 -9.88 -13.98 -4.94
CA GLU A 64 -9.20 -15.05 -4.28
C GLU A 64 -9.23 -16.20 -5.29
N GLY A 65 -8.25 -17.07 -5.23
CA GLY A 65 -8.21 -18.20 -6.12
C GLY A 65 -7.44 -19.35 -5.56
N THR A 66 -7.59 -20.51 -6.18
CA THR A 66 -6.83 -21.70 -5.82
C THR A 66 -5.98 -22.06 -7.02
N ALA A 67 -4.71 -22.32 -6.79
CA ALA A 67 -3.76 -22.61 -7.86
C ALA A 67 -3.26 -24.04 -7.69
N TYR A 68 -3.36 -24.82 -8.76
CA TYR A 68 -2.94 -26.20 -8.73
C TYR A 68 -1.64 -26.34 -9.51
N GLY A 69 -0.62 -26.88 -8.86
CA GLY A 69 0.66 -27.08 -9.49
C GLY A 69 1.48 -25.82 -9.66
N LEU A 70 1.12 -24.76 -8.95
CA LEU A 70 1.88 -23.54 -9.03
C LEU A 70 3.03 -23.53 -8.02
N SER A 71 2.73 -23.89 -6.77
CA SER A 71 3.74 -23.96 -5.74
C SER A 71 4.51 -25.26 -5.92
N ARG A 72 5.80 -25.22 -5.68
CA ARG A 72 6.60 -26.42 -5.80
C ARG A 72 6.56 -27.29 -4.57
N SER A 73 6.21 -26.70 -3.44
CA SER A 73 6.14 -27.46 -2.21
C SER A 73 4.72 -27.81 -1.80
N GLN A 74 3.76 -27.15 -2.42
CA GLN A 74 2.35 -27.33 -2.12
C GLN A 74 1.57 -27.58 -3.41
N PRO A 75 0.94 -28.73 -3.54
CA PRO A 75 0.16 -29.05 -4.75
C PRO A 75 -1.04 -28.16 -4.99
N VAL A 76 -1.68 -27.72 -3.91
CA VAL A 76 -2.83 -26.83 -3.98
C VAL A 76 -2.56 -25.62 -3.10
N MET A 77 -2.74 -24.42 -3.64
N MET A 77 -2.71 -24.39 -3.61
CA MET A 77 -2.45 -23.21 -2.87
CA MET A 77 -2.47 -23.21 -2.79
C MET A 77 -3.42 -22.05 -3.10
C MET A 77 -3.42 -22.04 -3.06
N LYS A 78 -3.68 -21.27 -2.05
CA LYS A 78 -4.54 -20.10 -2.16
C LYS A 78 -3.70 -18.93 -2.66
N VAL A 79 -4.22 -18.18 -3.61
CA VAL A 79 -3.57 -17.05 -4.20
C VAL A 79 -4.56 -15.91 -4.40
N ALA A 80 -4.06 -14.80 -4.93
CA ALA A 80 -4.86 -13.67 -5.28
C ALA A 80 -4.65 -13.46 -6.79
N VAL A 81 -5.70 -13.14 -7.51
CA VAL A 81 -5.60 -12.94 -8.95
C VAL A 81 -6.22 -11.63 -9.41
N LYS A 82 -5.46 -10.88 -10.20
CA LYS A 82 -5.89 -9.61 -10.72
C LYS A 82 -6.28 -9.76 -12.18
N MET A 83 -7.40 -9.17 -12.53
CA MET A 83 -7.93 -9.28 -13.87
C MET A 83 -8.83 -8.11 -14.18
N LEU A 84 -9.15 -7.98 -15.46
CA LEU A 84 -10.02 -6.92 -15.90
C LEU A 84 -11.46 -7.36 -16.06
N LYS A 85 -12.37 -6.40 -16.02
CA LYS A 85 -13.77 -6.65 -16.22
C LYS A 85 -14.08 -6.48 -17.69
N PRO A 86 -15.24 -6.95 -18.15
CA PRO A 86 -15.59 -6.77 -19.56
C PRO A 86 -15.71 -5.30 -19.96
N THR A 87 -15.79 -4.38 -19.00
CA THR A 87 -15.87 -2.99 -19.27
C THR A 87 -14.54 -2.37 -19.68
N ALA A 88 -13.47 -3.08 -19.52
CA ALA A 88 -12.14 -2.56 -19.82
C ALA A 88 -11.76 -2.30 -21.27
N ARG A 89 -11.10 -1.18 -21.49
CA ARG A 89 -10.64 -0.75 -22.79
C ARG A 89 -9.13 -0.96 -22.92
N SER A 90 -8.58 -0.57 -24.05
CA SER A 90 -7.16 -0.75 -24.32
C SER A 90 -6.26 -0.07 -23.29
N SER A 91 -6.63 1.09 -22.79
CA SER A 91 -5.80 1.76 -21.84
C SER A 91 -5.63 0.87 -20.59
N GLU A 92 -6.68 0.19 -20.18
CA GLU A 92 -6.61 -0.72 -19.03
C GLU A 92 -5.78 -1.99 -19.25
N LYS A 93 -5.97 -2.60 -20.40
CA LYS A 93 -5.23 -3.78 -20.73
C LYS A 93 -3.75 -3.47 -20.82
N GLN A 94 -3.47 -2.31 -21.39
CA GLN A 94 -2.11 -1.88 -21.50
C GLN A 94 -1.54 -1.67 -20.11
N ALA A 95 -2.33 -1.04 -19.26
CA ALA A 95 -1.88 -0.75 -17.92
C ALA A 95 -1.62 -2.02 -17.14
N LEU A 96 -2.48 -3.00 -17.25
CA LEU A 96 -2.27 -4.24 -16.52
C LEU A 96 -1.04 -4.97 -17.02
N MET A 97 -0.83 -5.01 -18.35
CA MET A 97 0.39 -5.62 -18.87
C MET A 97 1.63 -4.87 -18.38
N SER A 98 1.53 -3.53 -18.31
CA SER A 98 2.66 -2.74 -17.83
C SER A 98 2.94 -3.04 -16.35
N GLU A 99 1.88 -3.25 -15.57
CA GLU A 99 2.07 -3.61 -14.17
C GLU A 99 2.78 -4.96 -14.04
N LEU A 100 2.40 -5.91 -14.87
CA LEU A 100 3.04 -7.20 -14.81
C LEU A 100 4.52 -7.03 -15.12
N LYS A 101 4.83 -6.23 -16.11
CA LYS A 101 6.20 -6.04 -16.51
C LYS A 101 7.02 -5.43 -15.39
N ILE A 102 6.47 -4.44 -14.73
CA ILE A 102 7.19 -3.81 -13.62
C ILE A 102 7.41 -4.79 -12.48
N MET A 103 6.41 -5.62 -12.21
CA MET A 103 6.55 -6.59 -11.15
C MET A 103 7.68 -7.58 -11.45
N THR A 104 7.78 -8.03 -12.68
CA THR A 104 8.85 -8.96 -13.03
C THR A 104 10.22 -8.28 -12.93
N HIS A 105 10.29 -7.05 -13.41
CA HIS A 105 11.53 -6.29 -13.39
C HIS A 105 12.04 -5.96 -12.00
N LEU A 106 11.15 -5.67 -11.08
CA LEU A 106 11.55 -5.36 -9.72
C LEU A 106 12.23 -6.52 -9.00
N GLY A 107 11.76 -7.73 -9.24
CA GLY A 107 12.21 -8.86 -8.47
C GLY A 107 11.52 -8.89 -7.12
N PRO A 108 11.79 -9.94 -6.34
CA PRO A 108 11.05 -10.13 -5.09
C PRO A 108 11.65 -9.35 -3.93
N HIS A 109 10.77 -9.05 -2.96
CA HIS A 109 11.18 -8.49 -1.68
C HIS A 109 10.15 -8.92 -0.65
N LEU A 110 10.63 -9.13 0.58
CA LEU A 110 9.78 -9.61 1.66
C LEU A 110 8.54 -8.74 1.86
N ASN A 111 8.67 -7.42 1.64
CA ASN A 111 7.60 -6.50 1.97
C ASN A 111 6.91 -5.94 0.74
N ILE A 112 6.97 -6.65 -0.37
CA ILE A 112 6.28 -6.29 -1.56
C ILE A 112 5.44 -7.48 -1.97
N VAL A 113 4.20 -7.26 -2.37
CA VAL A 113 3.31 -8.37 -2.63
C VAL A 113 3.96 -9.23 -3.72
N ASN A 114 4.00 -10.54 -3.54
CA ASN A 114 4.90 -11.37 -4.33
C ASN A 114 4.26 -11.95 -5.58
N LEU A 115 4.82 -11.62 -6.74
CA LEU A 115 4.35 -12.19 -7.99
C LEU A 115 4.63 -13.69 -8.04
N LEU A 116 3.60 -14.48 -8.38
CA LEU A 116 3.79 -15.92 -8.52
C LEU A 116 3.65 -16.41 -9.96
N GLY A 117 2.90 -15.71 -10.80
CA GLY A 117 2.75 -16.14 -12.18
C GLY A 117 1.77 -15.25 -12.88
N ALA A 118 1.50 -15.58 -14.13
CA ALA A 118 0.57 -14.83 -14.92
C ALA A 118 0.00 -15.66 -16.06
N CYS A 119 -1.15 -15.25 -16.56
CA CYS A 119 -1.79 -15.88 -17.69
C CYS A 119 -1.90 -14.76 -18.71
N THR A 120 -1.05 -14.72 -19.73
CA THR A 120 -1.12 -13.66 -20.72
C THR A 120 -1.46 -14.10 -22.14
N LYS A 121 -1.49 -15.44 -22.34
N LYS A 121 -1.51 -15.40 -22.37
CA LYS A 121 -1.74 -15.98 -23.66
CA LYS A 121 -1.81 -15.88 -23.71
C LYS A 121 -3.06 -16.71 -23.77
C LYS A 121 -3.09 -16.68 -23.79
N SER A 122 -3.69 -16.55 -24.93
CA SER A 122 -4.97 -17.18 -25.24
C SER A 122 -6.06 -16.85 -24.23
N GLY A 123 -6.07 -15.60 -23.80
CA GLY A 123 -7.10 -15.24 -22.85
C GLY A 123 -6.88 -13.87 -22.25
N PRO A 124 -7.83 -13.44 -21.44
CA PRO A 124 -7.73 -12.17 -20.74
C PRO A 124 -6.53 -12.29 -19.80
N ILE A 125 -5.81 -11.22 -19.58
CA ILE A 125 -4.67 -11.27 -18.72
C ILE A 125 -4.98 -11.40 -17.23
N TYR A 126 -4.26 -12.31 -16.58
CA TYR A 126 -4.32 -12.51 -15.14
C TYR A 126 -2.93 -12.31 -14.54
N ILE A 127 -2.85 -11.63 -13.41
CA ILE A 127 -1.63 -11.57 -12.61
C ILE A 127 -1.90 -12.29 -11.30
N ILE A 128 -1.04 -13.24 -10.95
CA ILE A 128 -1.21 -14.08 -9.76
C ILE A 128 -0.17 -13.68 -8.72
N THR A 129 -0.62 -13.43 -7.49
CA THR A 129 0.29 -13.19 -6.38
C THR A 129 -0.07 -14.08 -5.20
N GLU A 130 0.80 -14.03 -4.19
CA GLU A 130 0.48 -14.62 -2.91
C GLU A 130 -0.81 -14.02 -2.37
N TYR A 131 -1.51 -14.80 -1.56
CA TYR A 131 -2.67 -14.33 -0.80
C TYR A 131 -2.21 -13.99 0.61
N CYS A 132 -2.71 -12.88 1.13
CA CYS A 132 -2.31 -12.41 2.45
C CYS A 132 -3.46 -12.58 3.41
N PHE A 133 -3.21 -13.30 4.49
CA PHE A 133 -4.26 -13.84 5.34
C PHE A 133 -5.15 -12.77 5.96
N TYR A 134 -4.54 -11.68 6.40
CA TYR A 134 -5.26 -10.65 7.13
C TYR A 134 -5.85 -9.52 6.28
N GLY A 135 -5.65 -9.56 4.97
CA GLY A 135 -6.18 -8.54 4.13
C GLY A 135 -5.47 -7.22 4.32
N ASP A 136 -6.16 -6.13 4.04
CA ASP A 136 -5.55 -4.81 4.05
C ASP A 136 -5.34 -4.30 5.48
N LEU A 137 -4.34 -3.43 5.63
CA LEU A 137 -3.94 -2.97 6.95
C LEU A 137 -5.00 -2.09 7.62
N VAL A 138 -5.77 -1.31 6.85
CA VAL A 138 -6.75 -0.42 7.47
C VAL A 138 -7.78 -1.22 8.24
N ASN A 139 -8.45 -2.17 7.57
CA ASN A 139 -9.48 -2.94 8.24
C ASN A 139 -8.91 -3.80 9.37
N TYR A 140 -7.67 -4.28 9.21
CA TYR A 140 -7.01 -5.05 10.28
C TYR A 140 -6.80 -4.20 11.53
N LEU A 141 -6.36 -2.97 11.36
CA LEU A 141 -6.18 -2.11 12.52
C LEU A 141 -7.50 -1.81 13.21
N HIS A 142 -8.53 -1.57 12.43
CA HIS A 142 -9.84 -1.27 12.96
C HIS A 142 -10.36 -2.43 13.79
N LYS A 143 -10.12 -3.60 13.25
N LYS A 143 -10.13 -3.61 13.27
CA LYS A 143 -10.55 -4.83 13.88
CA LYS A 143 -10.55 -4.83 13.90
C LYS A 143 -9.89 -4.96 15.23
C LYS A 143 -9.89 -4.97 15.25
N ASN A 144 -8.66 -4.47 15.32
CA ASN A 144 -7.84 -4.58 16.50
C ASN A 144 -7.90 -3.46 17.51
N ARG A 145 -8.79 -2.52 17.30
CA ARG A 145 -8.86 -1.39 18.20
C ARG A 145 -9.23 -1.75 19.63
N ASP A 146 -10.26 -2.55 19.80
CA ASP A 146 -10.76 -2.85 21.14
C ASP A 146 -9.78 -3.56 22.06
N SER A 147 -8.93 -4.37 21.48
CA SER A 147 -7.98 -5.13 22.23
C SER A 147 -6.54 -4.60 22.22
N PHE A 148 -6.34 -3.37 21.78
CA PHE A 148 -5.00 -2.78 21.75
C PHE A 148 -4.48 -2.76 23.19
N LEU A 149 -3.26 -3.22 23.40
CA LEU A 149 -2.70 -3.48 24.72
C LEU A 149 -1.82 -2.36 25.26
N SER A 150 -1.33 -1.48 24.42
CA SER A 150 -0.37 -0.46 24.85
C SER A 150 -1.06 0.88 25.13
N ASN A 169 2.11 -10.65 21.16
CA ASN A 169 1.04 -10.91 22.12
C ASN A 169 -0.18 -11.50 21.41
N SER A 170 -0.60 -12.69 21.83
CA SER A 170 -1.79 -13.29 21.25
C SER A 170 -3.07 -12.53 21.62
N GLU A 171 -3.06 -11.76 22.72
CA GLU A 171 -4.26 -11.09 23.21
C GLU A 171 -4.59 -9.80 22.47
N GLY A 172 -3.67 -9.24 21.70
CA GLY A 172 -3.97 -7.99 21.02
C GLY A 172 -2.70 -7.33 20.51
N LEU A 173 -2.91 -6.25 19.75
CA LEU A 173 -1.78 -5.51 19.20
C LEU A 173 -1.10 -4.66 20.27
N THR A 174 0.19 -4.39 20.07
CA THR A 174 0.97 -3.54 20.95
C THR A 174 1.69 -2.48 20.13
N LEU A 175 2.34 -1.56 20.85
CA LEU A 175 3.26 -0.62 20.22
C LEU A 175 4.36 -1.33 19.44
N LEU A 176 4.76 -2.50 19.89
CA LEU A 176 5.77 -3.21 19.17
C LEU A 176 5.24 -3.56 17.77
N ASP A 177 4.01 -4.01 17.68
CA ASP A 177 3.45 -4.37 16.38
C ASP A 177 3.40 -3.16 15.46
N LEU A 178 2.94 -2.04 16.01
CA LEU A 178 2.86 -0.81 15.23
C LEU A 178 4.22 -0.41 14.71
N LEU A 179 5.25 -0.47 15.58
CA LEU A 179 6.61 -0.16 15.13
C LEU A 179 7.09 -1.17 14.10
N SER A 180 6.72 -2.43 14.25
CA SER A 180 7.10 -3.44 13.28
C SER A 180 6.49 -3.12 11.91
N PHE A 181 5.19 -2.77 11.89
CA PHE A 181 4.56 -2.38 10.61
C PHE A 181 5.26 -1.17 10.02
N THR A 182 5.55 -0.18 10.85
CA THR A 182 6.26 1.03 10.44
C THR A 182 7.60 0.69 9.80
N TYR A 183 8.36 -0.20 10.44
CA TYR A 183 9.66 -0.62 9.96
C TYR A 183 9.56 -1.37 8.63
N GLN A 184 8.65 -2.32 8.57
CA GLN A 184 8.51 -3.15 7.37
C GLN A 184 8.07 -2.33 6.16
N VAL A 185 7.16 -1.38 6.36
CA VAL A 185 6.79 -0.50 5.27
C VAL A 185 8.00 0.28 4.79
N ALA A 186 8.82 0.76 5.72
CA ALA A 186 10.01 1.52 5.31
C ALA A 186 10.96 0.64 4.51
N ARG A 187 11.12 -0.60 4.92
CA ARG A 187 12.00 -1.50 4.17
C ARG A 187 11.46 -1.75 2.77
N GLY A 188 10.16 -2.00 2.66
CA GLY A 188 9.57 -2.19 1.36
C GLY A 188 9.76 -0.98 0.47
N MET A 189 9.57 0.22 1.04
CA MET A 189 9.76 1.42 0.23
C MET A 189 11.23 1.68 -0.06
N GLU A 190 12.12 1.32 0.87
CA GLU A 190 13.55 1.39 0.56
C GLU A 190 13.89 0.53 -0.65
N PHE A 191 13.28 -0.65 -0.74
CA PHE A 191 13.50 -1.51 -1.89
C PHE A 191 13.01 -0.86 -3.17
N LEU A 192 11.77 -0.34 -3.15
CA LEU A 192 11.22 0.32 -4.34
C LEU A 192 12.08 1.52 -4.75
N ALA A 193 12.48 2.34 -3.77
CA ALA A 193 13.33 3.48 -4.07
C ALA A 193 14.63 3.04 -4.74
N SER A 194 15.19 1.92 -4.29
CA SER A 194 16.44 1.43 -4.85
C SER A 194 16.30 0.97 -6.30
N LYS A 195 15.09 0.66 -6.74
CA LYS A 195 14.78 0.35 -8.13
C LYS A 195 14.19 1.55 -8.87
N ASN A 196 14.23 2.74 -8.28
CA ASN A 196 13.71 3.95 -8.91
C ASN A 196 12.23 3.78 -9.26
N CYS A 197 11.50 3.11 -8.37
CA CYS A 197 10.08 2.87 -8.53
C CYS A 197 9.33 3.79 -7.57
N VAL A 198 8.58 4.74 -8.13
CA VAL A 198 7.80 5.71 -7.36
C VAL A 198 6.38 5.19 -7.25
N HIS A 199 5.88 5.09 -6.01
CA HIS A 199 4.63 4.37 -5.78
C HIS A 199 3.41 5.19 -6.18
N ARG A 200 3.33 6.44 -5.72
CA ARG A 200 2.32 7.46 -6.00
C ARG A 200 0.99 7.25 -5.26
N ASP A 201 0.77 6.14 -4.57
CA ASP A 201 -0.46 5.93 -3.81
C ASP A 201 -0.17 5.14 -2.54
N LEU A 202 0.92 5.47 -1.86
CA LEU A 202 1.25 4.80 -0.63
C LEU A 202 0.28 5.22 0.47
N ALA A 203 -0.32 4.25 1.12
CA ALA A 203 -1.37 4.45 2.13
C ALA A 203 -1.64 3.09 2.75
N ALA A 204 -2.21 3.11 3.96
CA ALA A 204 -2.46 1.84 4.64
C ALA A 204 -3.41 0.95 3.86
N ARG A 205 -4.32 1.52 3.06
CA ARG A 205 -5.21 0.70 2.24
C ARG A 205 -4.46 -0.09 1.17
N ASN A 206 -3.24 0.33 0.84
CA ASN A 206 -2.40 -0.37 -0.13
C ASN A 206 -1.29 -1.15 0.55
N VAL A 207 -1.50 -1.53 1.81
CA VAL A 207 -0.62 -2.45 2.55
C VAL A 207 -1.45 -3.65 2.94
N LEU A 208 -1.00 -4.85 2.55
CA LEU A 208 -1.60 -6.11 2.96
C LEU A 208 -0.78 -6.72 4.08
N LEU A 209 -1.43 -7.59 4.86
CA LEU A 209 -0.77 -8.23 5.99
C LEU A 209 -0.93 -9.74 5.89
N ALA A 210 0.19 -10.43 5.73
CA ALA A 210 0.23 -11.86 5.67
C ALA A 210 0.17 -12.52 7.06
N GLN A 211 0.00 -13.83 7.13
CA GLN A 211 -0.31 -14.50 8.40
C GLN A 211 0.72 -14.32 9.55
N GLY A 212 1.97 -14.11 9.19
CA GLY A 212 3.01 -13.89 10.18
C GLY A 212 3.20 -12.42 10.55
N LYS A 213 2.19 -11.61 10.31
CA LYS A 213 2.28 -10.15 10.50
C LYS A 213 3.38 -9.55 9.65
N ILE A 214 3.47 -10.01 8.40
CA ILE A 214 4.42 -9.49 7.42
C ILE A 214 3.68 -8.56 6.48
N VAL A 215 4.20 -7.34 6.38
CA VAL A 215 3.64 -6.29 5.53
C VAL A 215 3.95 -6.57 4.07
N LYS A 216 2.97 -6.33 3.19
CA LYS A 216 3.17 -6.47 1.75
C LYS A 216 2.60 -5.23 1.08
N ILE A 217 3.46 -4.38 0.54
CA ILE A 217 3.00 -3.21 -0.20
C ILE A 217 2.46 -3.63 -1.55
N CYS A 218 1.34 -3.01 -1.96
CA CYS A 218 0.74 -3.24 -3.26
C CYS A 218 0.18 -1.92 -3.78
N ASP A 219 -0.53 -1.97 -4.90
CA ASP A 219 -1.35 -0.83 -5.34
C ASP A 219 -2.57 -1.42 -6.04
N PHE A 220 -3.74 -1.36 -5.40
CA PHE A 220 -4.94 -1.94 -6.00
C PHE A 220 -5.19 -1.38 -7.39
N GLY A 221 -4.91 -0.09 -7.59
CA GLY A 221 -5.00 0.48 -8.93
C GLY A 221 -6.41 0.35 -9.46
N LEU A 222 -6.52 -0.32 -10.63
CA LEU A 222 -7.81 -0.46 -11.30
C LEU A 222 -8.80 -1.31 -10.51
N ALA A 223 -8.32 -2.06 -9.51
CA ALA A 223 -9.16 -2.89 -8.67
C ALA A 223 -9.66 -2.13 -7.43
N ARG A 224 -9.57 -0.81 -7.43
CA ARG A 224 -10.18 0.02 -6.42
C ARG A 224 -11.09 1.03 -7.11
N ASP A 225 -12.29 1.23 -6.55
CA ASP A 225 -13.28 2.09 -7.20
C ASP A 225 -13.03 3.53 -6.75
N ILE A 226 -12.04 4.16 -7.36
CA ILE A 226 -11.65 5.50 -6.99
C ILE A 226 -12.73 6.54 -7.21
N MET A 227 -13.62 6.25 -8.11
CA MET A 227 -14.71 7.15 -8.39
C MET A 227 -15.78 7.18 -7.29
N HIS A 228 -15.76 6.21 -6.39
CA HIS A 228 -16.76 6.07 -5.34
C HIS A 228 -16.07 5.72 -4.04
N ASP A 229 -15.06 6.50 -3.68
CA ASP A 229 -14.23 6.25 -2.50
C ASP A 229 -13.86 7.61 -1.94
N SER A 230 -14.28 7.88 -0.71
CA SER A 230 -14.06 9.21 -0.15
C SER A 230 -12.58 9.53 0.05
N ASN A 231 -11.69 8.54 -0.03
CA ASN A 231 -10.26 8.83 0.05
C ASN A 231 -9.72 9.44 -1.23
N TYR A 232 -10.46 9.37 -2.33
CA TYR A 232 -10.02 9.88 -3.61
C TYR A 232 -10.93 11.04 -3.98
N VAL A 233 -10.33 12.18 -4.27
CA VAL A 233 -11.06 13.40 -4.57
C VAL A 233 -10.92 13.80 -6.03
N SER A 234 -12.03 14.22 -6.62
CA SER A 234 -11.98 14.60 -8.02
C SER A 234 -11.12 15.85 -8.15
N LYS A 235 -10.10 15.75 -8.99
CA LYS A 235 -9.20 16.86 -9.24
C LYS A 235 -8.72 16.75 -10.67
N GLY A 236 -9.60 17.01 -11.62
CA GLY A 236 -9.25 16.89 -13.02
C GLY A 236 -10.17 15.84 -13.61
N SER A 237 -9.62 15.01 -14.49
CA SER A 237 -10.36 13.94 -15.14
C SER A 237 -10.36 12.64 -14.31
N THR A 238 -9.68 12.66 -13.16
CA THR A 238 -9.55 11.49 -12.31
C THR A 238 -9.69 11.83 -10.83
N PHE A 239 -9.67 10.81 -10.00
CA PHE A 239 -9.78 10.97 -8.55
C PHE A 239 -8.41 10.70 -7.93
N LEU A 240 -7.96 11.59 -7.06
CA LEU A 240 -6.62 11.51 -6.52
C LEU A 240 -6.67 11.41 -5.00
N PRO A 241 -5.69 10.70 -4.39
CA PRO A 241 -5.66 10.54 -2.92
C PRO A 241 -5.06 11.76 -2.21
N VAL A 242 -5.81 12.87 -2.24
CA VAL A 242 -5.24 14.18 -1.90
C VAL A 242 -4.69 14.21 -0.48
N LYS A 243 -5.40 13.62 0.49
CA LYS A 243 -4.93 13.71 1.87
C LYS A 243 -3.61 12.97 2.08
N TRP A 244 -3.18 12.16 1.13
CA TRP A 244 -1.91 11.46 1.25
C TRP A 244 -0.80 12.10 0.42
N MET A 245 -1.17 13.02 -0.45
CA MET A 245 -0.23 13.66 -1.37
C MET A 245 0.68 14.80 -0.88
N ALA A 246 1.93 14.78 -1.32
CA ALA A 246 2.84 15.85 -0.96
C ALA A 246 2.39 17.14 -1.65
N PRO A 247 2.68 18.31 -1.07
CA PRO A 247 2.25 19.56 -1.71
C PRO A 247 2.72 19.67 -3.15
N GLU A 248 3.96 19.28 -3.44
CA GLU A 248 4.44 19.41 -4.81
C GLU A 248 3.70 18.48 -5.76
N SER A 249 3.14 17.36 -5.25
CA SER A 249 2.28 16.56 -6.12
C SER A 249 0.95 17.26 -6.35
N ILE A 250 0.35 17.81 -5.30
CA ILE A 250 -0.92 18.52 -5.42
C ILE A 250 -0.81 19.69 -6.39
N PHE A 251 0.20 20.54 -6.20
CA PHE A 251 0.24 21.83 -6.87
C PHE A 251 1.12 21.83 -8.11
N ASP A 252 2.14 20.98 -8.16
CA ASP A 252 3.07 20.93 -9.28
C ASP A 252 3.08 19.64 -10.10
N ASN A 253 2.23 18.68 -9.76
CA ASN A 253 2.20 17.37 -10.41
C ASN A 253 3.57 16.72 -10.39
N LEU A 254 4.28 16.86 -9.27
CA LEU A 254 5.56 16.23 -9.19
C LEU A 254 5.48 15.01 -8.28
N TYR A 255 5.83 13.85 -8.81
CA TYR A 255 5.87 12.61 -8.05
C TYR A 255 7.29 12.06 -8.09
N THR A 256 7.84 11.81 -6.90
CA THR A 256 9.19 11.30 -6.74
C THR A 256 9.19 10.35 -5.55
N THR A 257 10.32 9.69 -5.31
CA THR A 257 10.48 8.96 -4.06
C THR A 257 10.30 9.88 -2.86
N LEU A 258 10.65 11.16 -3.01
CA LEU A 258 10.49 12.09 -1.91
C LEU A 258 9.03 12.40 -1.63
N SER A 259 8.16 12.38 -2.65
CA SER A 259 6.75 12.52 -2.36
C SER A 259 6.18 11.24 -1.75
N ASP A 260 6.75 10.07 -2.11
CA ASP A 260 6.39 8.84 -1.40
C ASP A 260 6.75 8.95 0.09
N VAL A 261 7.82 9.67 0.41
CA VAL A 261 8.20 9.81 1.83
C VAL A 261 7.15 10.63 2.58
N TRP A 262 6.63 11.69 1.96
CA TRP A 262 5.51 12.41 2.57
C TRP A 262 4.34 11.47 2.83
N SER A 263 3.95 10.70 1.81
CA SER A 263 2.86 9.76 1.96
C SER A 263 3.14 8.74 3.04
N TYR A 264 4.40 8.31 3.15
CA TYR A 264 4.77 7.39 4.22
C TYR A 264 4.46 7.99 5.59
N GLY A 265 4.77 9.27 5.79
CA GLY A 265 4.41 9.93 7.04
C GLY A 265 2.93 9.91 7.31
N ILE A 266 2.11 10.14 6.28
CA ILE A 266 0.67 10.04 6.45
C ILE A 266 0.26 8.62 6.82
N LEU A 267 0.87 7.63 6.15
CA LEU A 267 0.60 6.23 6.49
C LEU A 267 0.95 5.93 7.94
N LEU A 268 2.06 6.48 8.45
CA LEU A 268 2.35 6.30 9.87
C LEU A 268 1.26 6.90 10.74
N TRP A 269 0.73 8.06 10.33
CA TRP A 269 -0.40 8.60 11.10
C TRP A 269 -1.55 7.60 11.12
N GLU A 270 -1.82 6.96 9.98
CA GLU A 270 -2.85 5.92 9.92
C GLU A 270 -2.55 4.78 10.89
N ILE A 271 -1.31 4.30 10.91
CA ILE A 271 -0.96 3.18 11.77
C ILE A 271 -1.15 3.55 13.23
N PHE A 272 -0.65 4.71 13.64
CA PHE A 272 -0.66 5.03 15.06
C PHE A 272 -1.98 5.63 15.53
N SER A 273 -2.94 5.84 14.62
CA SER A 273 -4.32 6.10 14.96
C SER A 273 -5.20 4.86 14.79
N LEU A 274 -4.57 3.69 14.61
CA LEU A 274 -5.23 2.42 14.39
C LEU A 274 -6.28 2.53 13.27
N GLY A 275 -5.84 3.06 12.13
CA GLY A 275 -6.70 3.14 10.97
C GLY A 275 -7.60 4.35 10.91
N GLY A 276 -7.19 5.48 11.50
CA GLY A 276 -7.95 6.71 11.39
C GLY A 276 -7.82 7.32 10.00
N THR A 277 -8.79 8.17 9.68
CA THR A 277 -8.73 8.92 8.43
C THR A 277 -7.86 10.15 8.61
N PRO A 278 -6.84 10.35 7.78
CA PRO A 278 -6.00 11.54 7.90
C PRO A 278 -6.85 12.82 7.86
N TYR A 279 -6.39 13.83 8.57
CA TYR A 279 -7.10 15.11 8.64
C TYR A 279 -8.56 14.84 8.99
N PRO A 280 -8.79 14.13 10.08
CA PRO A 280 -10.15 13.71 10.43
C PRO A 280 -11.12 14.86 10.56
N GLY A 281 -12.23 14.70 9.87
CA GLY A 281 -13.25 15.72 9.89
C GLY A 281 -13.01 16.88 8.96
N MET A 282 -11.90 16.87 8.22
CA MET A 282 -11.60 17.93 7.29
C MET A 282 -11.92 17.47 5.88
N MET A 283 -12.70 18.26 5.18
CA MET A 283 -13.00 17.98 3.80
C MET A 283 -11.83 18.46 2.96
N VAL A 284 -11.67 17.92 1.77
CA VAL A 284 -10.64 18.40 0.88
C VAL A 284 -11.38 19.47 0.08
N ASP A 285 -11.08 20.71 0.38
CA ASP A 285 -11.72 21.85 -0.24
C ASP A 285 -10.73 22.97 -0.23
N SER A 286 -11.12 24.15 -0.65
CA SER A 286 -10.16 25.21 -0.74
C SER A 286 -9.48 25.46 0.58
N THR A 287 -10.19 25.32 1.67
CA THR A 287 -9.57 25.55 2.98
C THR A 287 -8.47 24.53 3.27
N PHE A 288 -8.69 23.26 2.88
CA PHE A 288 -7.65 22.26 3.07
C PHE A 288 -6.37 22.67 2.34
N TYR A 289 -6.48 23.00 1.06
CA TYR A 289 -5.31 23.34 0.26
C TYR A 289 -4.56 24.54 0.87
N ASN A 290 -5.30 25.56 1.29
CA ASN A 290 -4.66 26.71 1.93
C ASN A 290 -3.97 26.31 3.23
N LYS A 291 -4.56 25.41 3.99
CA LYS A 291 -3.95 24.97 5.24
C LYS A 291 -2.61 24.26 5.00
N ILE A 292 -2.58 23.36 4.04
CA ILE A 292 -1.36 22.65 3.73
C ILE A 292 -0.29 23.65 3.29
N LYS A 293 -0.69 24.58 2.44
CA LYS A 293 0.24 25.58 1.96
C LYS A 293 0.80 26.43 3.08
N SER A 294 -0.05 26.79 4.02
CA SER A 294 0.33 27.65 5.13
C SER A 294 1.16 26.93 6.18
N GLY A 295 1.39 25.63 5.96
CA GLY A 295 2.18 24.85 6.86
C GLY A 295 1.47 23.98 7.90
N TYR A 296 0.17 23.85 7.76
CA TYR A 296 -0.57 23.03 8.68
C TYR A 296 -0.16 21.57 8.59
N ARG A 297 0.03 20.96 9.75
CA ARG A 297 0.29 19.52 9.79
C ARG A 297 -0.54 18.86 10.89
N MET A 298 -0.86 17.58 10.70
CA MET A 298 -1.59 16.82 11.71
C MET A 298 -0.80 16.77 13.02
N ALA A 299 -1.53 16.74 14.13
CA ALA A 299 -0.93 16.56 15.44
C ALA A 299 -0.66 15.07 15.70
N LYS A 300 0.10 14.81 16.75
CA LYS A 300 0.44 13.45 17.06
C LYS A 300 -0.76 12.59 17.41
N PRO A 301 -0.86 11.43 16.80
CA PRO A 301 -1.96 10.53 17.16
C PRO A 301 -1.67 9.84 18.50
N ASP A 302 -2.73 9.27 19.05
CA ASP A 302 -2.73 8.92 20.46
C ASP A 302 -1.73 7.80 20.79
N HIS A 303 -1.50 6.86 19.88
CA HIS A 303 -0.62 5.75 20.20
C HIS A 303 0.80 5.96 19.71
N ALA A 304 1.12 7.11 19.11
CA ALA A 304 2.47 7.38 18.67
C ALA A 304 3.32 7.90 19.83
N THR A 305 4.58 7.47 19.87
CA THR A 305 5.59 8.08 20.73
C THR A 305 6.05 9.41 20.11
N SER A 306 6.77 10.20 20.92
N SER A 306 6.78 10.19 20.92
CA SER A 306 7.32 11.45 20.42
CA SER A 306 7.33 11.45 20.42
C SER A 306 8.36 11.22 19.32
C SER A 306 8.36 11.21 19.32
N GLU A 307 9.10 10.10 19.39
CA GLU A 307 10.06 9.80 18.33
C GLU A 307 9.37 9.47 17.03
N VAL A 308 8.31 8.67 17.10
CA VAL A 308 7.52 8.34 15.92
C VAL A 308 6.91 9.62 15.32
N TYR A 309 6.42 10.52 16.17
CA TYR A 309 5.83 11.75 15.63
C TYR A 309 6.90 12.63 15.00
N GLU A 310 8.10 12.63 15.57
CA GLU A 310 9.18 13.41 15.02
C GLU A 310 9.46 12.93 13.60
N ILE A 311 9.38 11.63 13.41
CA ILE A 311 9.59 11.04 12.10
C ILE A 311 8.53 11.51 11.10
N MET A 312 7.28 11.52 11.51
CA MET A 312 6.23 11.99 10.61
C MET A 312 6.51 13.45 10.25
N VAL A 313 6.90 14.24 11.22
CA VAL A 313 7.15 15.66 10.93
C VAL A 313 8.25 15.83 9.91
N LYS A 314 9.29 15.02 10.01
CA LYS A 314 10.38 15.08 9.08
C LYS A 314 9.91 14.73 7.70
N CYS A 315 9.03 13.75 7.61
CA CYS A 315 8.51 13.32 6.32
C CYS A 315 7.64 14.38 5.68
N TRP A 316 7.12 15.34 6.47
CA TRP A 316 6.22 16.36 5.96
C TRP A 316 6.91 17.70 5.76
N ASN A 317 8.22 17.69 5.58
CA ASN A 317 8.92 18.93 5.24
C ASN A 317 8.36 19.48 3.93
N SER A 318 8.12 20.78 3.90
CA SER A 318 7.66 21.43 2.66
CA SER A 318 7.61 21.50 2.62
C SER A 318 8.66 21.21 1.53
N GLU A 319 9.94 21.22 1.82
CA GLU A 319 10.94 21.00 0.78
C GLU A 319 11.23 19.53 0.62
N PRO A 320 10.95 19.01 -0.56
CA PRO A 320 11.12 17.56 -0.68
C PRO A 320 12.48 16.99 -0.39
N GLU A 321 13.52 17.69 -0.82
CA GLU A 321 14.88 17.25 -0.65
C GLU A 321 15.29 17.15 0.80
N LYS A 322 14.57 17.84 1.67
CA LYS A 322 14.82 17.83 3.09
C LYS A 322 14.19 16.63 3.83
N ARG A 323 13.32 15.88 3.16
CA ARG A 323 12.71 14.71 3.75
C ARG A 323 13.74 13.58 3.84
N PRO A 324 13.66 12.72 4.85
CA PRO A 324 14.68 11.66 4.98
C PRO A 324 14.45 10.54 3.98
N SER A 325 15.53 9.84 3.66
CA SER A 325 15.48 8.73 2.72
C SER A 325 14.81 7.53 3.38
N PHE A 326 14.26 6.64 2.54
CA PHE A 326 13.67 5.44 3.12
C PHE A 326 14.74 4.54 3.77
N TYR A 327 15.97 4.59 3.26
CA TYR A 327 17.06 3.90 3.93
C TYR A 327 17.22 4.38 5.37
N HIS A 328 17.32 5.70 5.55
CA HIS A 328 17.49 6.21 6.91
C HIS A 328 16.24 5.97 7.75
N LEU A 329 15.05 6.11 7.17
CA LEU A 329 13.83 5.79 7.92
C LEU A 329 13.86 4.36 8.44
N SER A 330 14.23 3.40 7.57
CA SER A 330 14.30 2.01 8.00
C SER A 330 15.26 1.87 9.18
N GLU A 331 16.46 2.47 9.07
CA GLU A 331 17.45 2.32 10.13
C GLU A 331 17.01 2.99 11.43
N ILE A 332 16.39 4.16 11.33
CA ILE A 332 15.92 4.89 12.51
C ILE A 332 14.83 4.10 13.22
N VAL A 333 13.85 3.60 12.47
CA VAL A 333 12.76 2.87 13.10
C VAL A 333 13.27 1.58 13.74
N GLU A 334 14.20 0.89 13.07
CA GLU A 334 14.76 -0.34 13.63
C GLU A 334 15.39 -0.08 15.00
N ASN A 335 16.05 1.07 15.14
CA ASN A 335 16.70 1.47 16.38
C ASN A 335 15.69 1.76 17.48
N LEU A 336 14.44 2.02 17.12
CA LEU A 336 13.41 2.29 18.10
C LEU A 336 12.73 1.02 18.62
N LEU A 337 13.03 -0.09 18.00
CA LEU A 337 12.45 -1.34 18.42
C LEU A 337 12.99 -1.75 19.80
N PRO A 338 12.05 -2.34 20.65
CA PRO A 338 12.57 -2.73 21.96
C PRO A 338 13.35 -4.05 21.87
N GLY A 339 14.04 -4.40 22.94
CA GLY A 339 14.87 -5.58 22.96
C GLY A 339 14.36 -6.95 22.58
N GLN A 340 13.10 -7.21 22.89
CA GLN A 340 12.53 -8.53 22.67
C GLN A 340 12.17 -8.82 21.21
N TYR A 341 12.29 -7.82 20.35
CA TYR A 341 11.96 -7.98 18.93
C TYR A 341 12.79 -9.09 18.31
C4 748 B . -4.72 -8.46 -2.66
C5 748 B . -5.31 -7.24 -2.98
C6 748 B . -4.86 -6.55 -4.09
N1 748 B . -3.82 -7.08 -4.86
N3 748 B . -3.74 -8.92 -3.44
C2 748 B . -3.29 -8.27 -4.52
CAA 748 B . -3.14 -10.14 -7.42
CAB 748 B . 1.26 2.56 -10.68
CAC 748 B . 3.25 3.74 -10.03
CAF 748 B . 5.35 -2.62 -5.83
CAG 748 B . -6.67 -9.54 0.27
CAH 748 B . 4.28 -2.63 -4.94
CAI 748 B . -5.97 -10.68 0.67
CAK 748 B . 5.45 -1.61 -6.77
CAL 748 B . -6.27 -8.80 -0.83
CAM 748 B . 3.56 -3.38 -8.65
CAN 748 B . 1.97 -1.63 -8.88
CAO 748 B . -1.87 -8.65 -8.78
CAQ 748 B . -1.02 -7.56 -8.93
CAR 748 B . 2.58 -4.22 -8.14
CAS 748 B . 0.97 -2.46 -8.37
CAT 748 B . 3.44 -0.62 -5.94
CAU 748 B . -4.44 -10.32 -1.17
CAV 748 B . -0.99 -7.25 -6.55
CAW 748 B . 3.40 1.47 -10.83
CAX 748 B . 4.69 1.11 -10.10
CAY 748 B . 4.33 -1.30 -9.55
CBF 748 B . 0.30 -4.64 -7.47
CBG 748 B . 4.61 0.42 -7.77
CBH 748 B . 3.27 -2.07 -9.02
CBI 748 B . -2.29 -9.05 -7.53
CBJ 748 B . -0.57 -6.84 -7.83
CBK 748 B . 1.27 -3.78 -7.98
CBL 748 B . 4.49 -0.61 -6.84
CBM 748 B . -5.15 -9.19 -1.55
CBO 748 B . -1.87 -8.34 -6.41
NAZ 748 B . 3.32 -1.62 -5.00
NBA 748 B . -4.85 -11.08 -0.05
NBD 748 B . 0.27 -5.83 -8.10
NBE 748 B . -2.30 -8.81 -5.23
NBQ 748 B . 2.59 2.43 -10.07
NBR 748 B . 4.50 0.08 -9.06
OAD 748 B . -0.45 -4.32 -6.56
OAE 748 B . 4.79 1.57 -7.39
CL CL C . -5.51 9.15 17.22
CL CL D . -7.69 -18.08 4.48
CL CL E . -5.24 23.02 -5.88
#